data_1B66
#
_entry.id   1B66
#
_cell.length_a   120.270
_cell.length_b   120.270
_cell.length_c   61.250
_cell.angle_alpha   90.00
_cell.angle_beta   90.00
_cell.angle_gamma   120.00
#
_symmetry.space_group_name_H-M   'P 3 2 1'
#
loop_
_entity.id
_entity.type
_entity.pdbx_description
1 polymer '6-PYRUVOYL TETRAHYDROPTERIN SYNTHASE'
2 non-polymer 'ZINC ION'
3 non-polymer BIOPTERIN
4 water water
#
_entity_poly.entity_id   1
_entity_poly.type   'polypeptide(L)'
_entity_poly.pdbx_seq_one_letter_code
;VGLRRRARLSRLVSFSASHRLHSPSLSAEENLKVFGKCNNPNGHGHNYKVVVTIHGEIDPVTGMVMNLTDLKEYMEEAIM
KPLDHKNLDLDVPYFADVVSTTENVAVYIWENLQRLLPVGALYKVKVYETDNNIVVYKGE
;
_entity_poly.pdbx_strand_id   A,B
#
# COMPACT_ATOMS: atom_id res chain seq x y z
N LEU A 3 4.88 -8.66 -13.45
CA LEU A 3 5.13 -10.10 -13.11
C LEU A 3 3.87 -10.86 -12.66
N ARG A 4 3.27 -10.47 -11.53
CA ARG A 4 2.08 -11.16 -11.03
C ARG A 4 0.79 -10.32 -10.87
N ARG A 5 -0.34 -10.96 -11.16
CA ARG A 5 -1.65 -10.33 -11.07
C ARG A 5 -2.02 -10.05 -9.62
N ARG A 6 -2.70 -8.92 -9.37
CA ARG A 6 -3.11 -8.59 -8.01
C ARG A 6 -4.62 -8.73 -7.85
N ALA A 7 -5.09 -9.19 -6.69
CA ALA A 7 -6.52 -9.35 -6.47
C ALA A 7 -6.90 -9.05 -5.04
N ARG A 8 -8.19 -8.95 -4.77
CA ARG A 8 -8.66 -8.72 -3.40
C ARG A 8 -9.36 -9.98 -2.97
N LEU A 9 -9.03 -10.46 -1.79
CA LEU A 9 -9.60 -11.68 -1.22
C LEU A 9 -10.31 -11.32 0.08
N SER A 10 -11.59 -11.71 0.15
CA SER A 10 -12.44 -11.43 1.30
C SER A 10 -13.04 -12.66 1.95
N ARG A 11 -13.20 -12.57 3.27
CA ARG A 11 -13.81 -13.61 4.07
C ARG A 11 -14.79 -12.94 5.02
N LEU A 12 -15.92 -13.58 5.21
CA LEU A 12 -16.96 -13.05 6.10
C LEU A 12 -17.06 -13.94 7.34
N VAL A 13 -17.36 -13.33 8.47
CA VAL A 13 -17.56 -14.02 9.74
C VAL A 13 -18.60 -13.20 10.50
N SER A 14 -19.31 -13.82 11.42
CA SER A 14 -20.27 -13.07 12.21
C SER A 14 -20.08 -13.39 13.66
N PHE A 15 -20.30 -12.39 14.52
CA PHE A 15 -20.20 -12.57 15.97
C PHE A 15 -21.40 -11.89 16.64
N SER A 16 -21.74 -12.37 17.84
CA SER A 16 -22.88 -11.87 18.62
C SER A 16 -22.36 -11.05 19.76
N ALA A 17 -22.92 -9.85 19.94
CA ALA A 17 -22.45 -9.00 21.01
C ALA A 17 -23.51 -8.02 21.44
N SER A 18 -23.41 -7.58 22.69
CA SER A 18 -24.34 -6.58 23.23
C SER A 18 -23.51 -5.32 23.45
N HIS A 19 -24.20 -4.19 23.53
CA HIS A 19 -23.57 -2.89 23.79
C HIS A 19 -24.64 -1.85 24.06
N ARG A 20 -24.19 -0.65 24.39
CA ARG A 20 -25.09 0.48 24.64
C ARG A 20 -24.32 1.67 24.14
N LEU A 21 -24.96 2.51 23.33
CA LEU A 21 -24.26 3.69 22.83
C LEU A 21 -24.42 4.75 23.90
N HIS A 22 -23.31 5.16 24.49
CA HIS A 22 -23.35 6.15 25.58
C HIS A 22 -21.98 6.80 25.80
N SER A 23 -21.96 8.13 25.88
CA SER A 23 -20.71 8.85 26.13
C SER A 23 -20.76 9.60 27.44
N PRO A 24 -19.78 9.37 28.32
CA PRO A 24 -19.81 10.12 29.59
C PRO A 24 -19.42 11.60 29.42
N SER A 25 -19.14 12.01 28.19
CA SER A 25 -18.82 13.41 27.89
C SER A 25 -20.15 14.12 27.64
N LEU A 26 -21.22 13.34 27.43
CA LEU A 26 -22.56 13.84 27.17
C LEU A 26 -23.45 13.62 28.41
N SER A 27 -24.44 14.48 28.61
CA SER A 27 -25.33 14.38 29.76
C SER A 27 -26.25 13.21 29.55
N ALA A 28 -26.98 12.81 30.59
CA ALA A 28 -27.93 11.71 30.47
C ALA A 28 -28.93 12.03 29.34
N GLU A 29 -29.40 13.27 29.30
CA GLU A 29 -30.35 13.67 28.28
C GLU A 29 -29.76 13.83 26.88
N GLU A 30 -28.52 14.32 26.77
CA GLU A 30 -27.91 14.48 25.44
C GLU A 30 -27.69 13.08 24.82
N ASN A 31 -27.24 12.15 25.64
CA ASN A 31 -27.04 10.78 25.20
C ASN A 31 -28.34 10.18 24.63
N LEU A 32 -29.47 10.47 25.29
CA LEU A 32 -30.77 9.99 24.85
C LEU A 32 -31.13 10.62 23.50
N LYS A 33 -30.93 11.93 23.37
CA LYS A 33 -31.21 12.65 22.14
C LYS A 33 -30.38 12.15 20.97
N VAL A 34 -29.09 12.01 21.21
CA VAL A 34 -28.14 11.58 20.18
C VAL A 34 -28.24 10.11 19.81
N PHE A 35 -28.29 9.23 20.80
CA PHE A 35 -28.32 7.80 20.53
C PHE A 35 -29.69 7.14 20.53
N GLY A 36 -30.71 7.86 20.95
CA GLY A 36 -32.06 7.33 20.98
C GLY A 36 -32.18 5.98 21.65
N LYS A 37 -32.92 5.09 20.99
CA LYS A 37 -33.14 3.73 21.49
C LYS A 37 -31.86 2.97 21.79
N CYS A 38 -30.79 3.27 21.05
CA CYS A 38 -29.51 2.61 21.26
C CYS A 38 -28.89 2.96 22.62
N ASN A 39 -29.49 3.96 23.30
CA ASN A 39 -29.03 4.40 24.62
C ASN A 39 -29.69 3.59 25.78
N ASN A 40 -30.64 2.70 25.47
CA ASN A 40 -31.32 1.88 26.48
C ASN A 40 -30.32 1.54 27.58
N PRO A 41 -30.59 1.94 28.82
CA PRO A 41 -29.68 1.66 29.93
C PRO A 41 -29.14 0.25 30.10
N ASN A 42 -29.99 -0.76 29.91
CA ASN A 42 -29.52 -2.14 30.04
C ASN A 42 -28.92 -2.77 28.80
N GLY A 43 -28.79 -1.98 27.74
CA GLY A 43 -28.18 -2.47 26.52
C GLY A 43 -29.09 -3.17 25.54
N HIS A 44 -28.50 -3.58 24.43
CA HIS A 44 -29.18 -4.32 23.37
C HIS A 44 -28.08 -5.10 22.60
N GLY A 45 -28.42 -5.77 21.51
CA GLY A 45 -27.39 -6.56 20.86
C GLY A 45 -27.53 -6.74 19.37
N HIS A 46 -26.52 -7.36 18.76
CA HIS A 46 -26.51 -7.57 17.32
C HIS A 46 -25.78 -8.81 16.91
N ASN A 47 -26.12 -9.29 15.71
CA ASN A 47 -25.38 -10.41 15.12
C ASN A 47 -24.57 -9.63 14.08
N TYR A 48 -23.36 -9.24 14.44
CA TYR A 48 -22.50 -8.47 13.54
C TYR A 48 -21.96 -9.35 12.42
N LYS A 49 -21.91 -8.81 11.21
CA LYS A 49 -21.31 -9.52 10.08
C LYS A 49 -20.08 -8.69 9.70
N VAL A 50 -18.92 -9.32 9.62
CA VAL A 50 -17.69 -8.62 9.26
C VAL A 50 -17.06 -9.20 8.00
N VAL A 51 -16.74 -8.36 7.03
CA VAL A 51 -16.06 -8.84 5.83
C VAL A 51 -14.69 -8.18 5.87
N VAL A 52 -13.66 -9.00 5.91
CA VAL A 52 -12.29 -8.52 5.93
C VAL A 52 -11.69 -8.80 4.56
N THR A 53 -11.12 -7.76 3.92
CA THR A 53 -10.49 -7.90 2.61
C THR A 53 -9.02 -7.64 2.65
N ILE A 54 -8.24 -8.57 2.11
CA ILE A 54 -6.82 -8.33 2.01
C ILE A 54 -6.54 -8.29 0.48
N HIS A 55 -5.43 -7.68 0.09
CA HIS A 55 -5.10 -7.60 -1.32
C HIS A 55 -3.63 -7.93 -1.49
N GLY A 56 -3.26 -8.39 -2.67
CA GLY A 56 -1.87 -8.74 -2.91
C GLY A 56 -1.79 -9.47 -4.21
N GLU A 57 -0.62 -9.98 -4.54
CA GLU A 57 -0.44 -10.69 -5.78
C GLU A 57 -0.95 -12.13 -5.64
N ILE A 58 -1.44 -12.69 -6.74
CA ILE A 58 -1.92 -14.06 -6.73
C ILE A 58 -0.69 -14.96 -6.88
N ASP A 59 -0.48 -15.85 -5.93
CA ASP A 59 0.66 -16.76 -5.99
C ASP A 59 0.65 -17.55 -7.29
N PRO A 60 1.78 -17.61 -8.00
CA PRO A 60 1.83 -18.36 -9.26
C PRO A 60 1.71 -19.88 -9.07
N VAL A 61 2.07 -20.39 -7.89
CA VAL A 61 1.95 -21.83 -7.63
C VAL A 61 0.60 -22.24 -6.99
N THR A 62 0.30 -21.69 -5.81
CA THR A 62 -0.94 -21.99 -5.08
C THR A 62 -2.21 -21.27 -5.61
N GLY A 63 -2.05 -20.16 -6.34
CA GLY A 63 -3.20 -19.43 -6.85
C GLY A 63 -3.91 -18.62 -5.77
N MET A 64 -3.24 -18.44 -4.62
CA MET A 64 -3.80 -17.70 -3.49
C MET A 64 -3.17 -16.35 -3.23
N VAL A 65 -3.99 -15.33 -2.92
CA VAL A 65 -3.47 -14.02 -2.56
C VAL A 65 -2.96 -14.23 -1.12
N MET A 66 -3.73 -14.98 -0.33
CA MET A 66 -3.37 -15.33 1.04
C MET A 66 -4.16 -16.61 1.25
N ASN A 67 -3.57 -17.61 1.90
CA ASN A 67 -4.27 -18.87 2.14
C ASN A 67 -5.47 -18.60 3.06
N LEU A 68 -6.69 -18.89 2.60
CA LEU A 68 -7.88 -18.66 3.43
C LEU A 68 -7.75 -19.28 4.83
N THR A 69 -6.98 -20.35 4.99
CA THR A 69 -6.79 -20.96 6.29
C THR A 69 -6.13 -19.93 7.20
N ASP A 70 -5.14 -19.20 6.68
CA ASP A 70 -4.46 -18.18 7.47
C ASP A 70 -5.37 -17.03 7.81
N LEU A 71 -6.18 -16.60 6.84
CA LEU A 71 -7.11 -15.49 7.06
C LEU A 71 -8.10 -15.83 8.15
N LYS A 72 -8.62 -17.06 8.11
CA LYS A 72 -9.57 -17.57 9.13
C LYS A 72 -8.94 -17.45 10.50
N GLU A 73 -7.70 -17.91 10.61
CA GLU A 73 -6.93 -17.86 11.86
C GLU A 73 -6.74 -16.41 12.34
N TYR A 74 -6.35 -15.50 11.44
CA TYR A 74 -6.17 -14.10 11.82
C TYR A 74 -7.50 -13.50 12.30
N MET A 75 -8.59 -13.80 11.61
CA MET A 75 -9.90 -13.29 11.99
C MET A 75 -10.40 -13.91 13.30
N GLU A 76 -10.05 -15.17 13.53
CA GLU A 76 -10.45 -15.83 14.76
C GLU A 76 -9.81 -15.05 15.90
N GLU A 77 -8.52 -14.77 15.75
CA GLU A 77 -7.73 -14.04 16.73
C GLU A 77 -8.12 -12.56 16.89
N ALA A 78 -8.37 -11.88 15.76
CA ALA A 78 -8.69 -10.46 15.79
C ALA A 78 -10.14 -10.06 16.04
N ILE A 79 -11.07 -10.96 15.73
CA ILE A 79 -12.50 -10.67 15.85
C ILE A 79 -13.26 -11.59 16.80
N MET A 80 -13.23 -12.89 16.51
CA MET A 80 -13.97 -13.87 17.28
C MET A 80 -13.57 -13.97 18.77
N LYS A 81 -12.28 -14.21 19.06
CA LYS A 81 -11.83 -14.30 20.46
C LYS A 81 -12.18 -13.09 21.32
N PRO A 82 -11.94 -11.86 20.84
CA PRO A 82 -12.29 -10.74 21.73
C PRO A 82 -13.73 -10.24 21.65
N LEU A 83 -14.40 -10.47 20.53
CA LEU A 83 -15.74 -9.94 20.36
C LEU A 83 -16.94 -10.88 20.45
N ASP A 84 -16.80 -12.12 20.04
CA ASP A 84 -17.94 -13.03 20.03
C ASP A 84 -18.53 -13.43 21.40
N HIS A 85 -19.85 -13.27 21.53
CA HIS A 85 -20.55 -13.56 22.79
C HIS A 85 -19.99 -12.74 23.92
N LYS A 86 -19.81 -11.45 23.64
CA LYS A 86 -19.29 -10.49 24.61
C LYS A 86 -20.17 -9.27 24.65
N ASN A 87 -19.98 -8.49 25.70
CA ASN A 87 -20.68 -7.22 25.90
C ASN A 87 -19.55 -6.27 25.56
N LEU A 88 -19.62 -5.59 24.41
CA LEU A 88 -18.53 -4.70 23.99
C LEU A 88 -18.02 -3.69 25.01
N ASP A 89 -18.94 -2.97 25.63
CA ASP A 89 -18.55 -1.94 26.56
C ASP A 89 -17.98 -2.41 27.87
N LEU A 90 -18.35 -3.59 28.31
CA LEU A 90 -17.84 -4.09 29.56
C LEU A 90 -16.81 -5.17 29.40
N ASP A 91 -16.79 -5.86 28.29
CA ASP A 91 -15.81 -6.94 28.10
C ASP A 91 -14.65 -6.59 27.18
N VAL A 92 -14.69 -5.42 26.55
CA VAL A 92 -13.59 -5.06 25.64
C VAL A 92 -12.94 -3.77 26.14
N PRO A 93 -11.73 -3.86 26.73
CA PRO A 93 -10.99 -2.71 27.27
C PRO A 93 -11.00 -1.49 26.34
N TYR A 94 -10.80 -1.73 25.05
CA TYR A 94 -10.79 -0.65 24.05
C TYR A 94 -12.05 0.23 24.11
N PHE A 95 -13.18 -0.38 24.46
CA PHE A 95 -14.47 0.36 24.53
C PHE A 95 -14.84 0.93 25.88
N ALA A 96 -13.91 0.86 26.83
CA ALA A 96 -14.16 1.42 28.15
C ALA A 96 -14.25 2.94 27.96
N ASP A 97 -13.43 3.47 27.04
CA ASP A 97 -13.40 4.91 26.77
C ASP A 97 -13.79 5.35 25.37
N VAL A 98 -14.27 4.42 24.56
CA VAL A 98 -14.68 4.74 23.19
C VAL A 98 -16.14 4.26 23.01
N VAL A 99 -16.99 5.07 22.38
CA VAL A 99 -18.40 4.70 22.16
C VAL A 99 -18.41 3.57 21.14
N SER A 100 -19.14 2.49 21.40
CA SER A 100 -19.17 1.33 20.49
C SER A 100 -20.06 1.40 19.23
N THR A 101 -19.95 2.49 18.49
CA THR A 101 -20.70 2.64 17.25
C THR A 101 -20.10 1.62 16.26
N THR A 102 -20.80 1.42 15.14
CA THR A 102 -20.35 0.51 14.09
C THR A 102 -19.01 1.00 13.58
N GLU A 103 -18.86 2.33 13.49
CA GLU A 103 -17.61 2.98 13.04
C GLU A 103 -16.43 2.54 13.91
N ASN A 104 -16.60 2.63 15.23
CA ASN A 104 -15.52 2.25 16.14
C ASN A 104 -15.24 0.76 16.26
N VAL A 105 -16.24 -0.07 15.94
CA VAL A 105 -16.07 -1.53 15.93
C VAL A 105 -15.22 -1.85 14.69
N ALA A 106 -15.51 -1.19 13.56
CA ALA A 106 -14.71 -1.37 12.34
C ALA A 106 -13.25 -0.96 12.60
N VAL A 107 -13.07 0.22 13.23
CA VAL A 107 -11.72 0.72 13.56
C VAL A 107 -10.98 -0.27 14.46
N TYR A 108 -11.65 -0.72 15.53
CA TYR A 108 -11.09 -1.69 16.46
C TYR A 108 -10.62 -2.96 15.75
N ILE A 109 -11.44 -3.48 14.85
CA ILE A 109 -11.09 -4.70 14.11
C ILE A 109 -9.91 -4.43 13.16
N TRP A 110 -9.94 -3.29 12.47
CA TRP A 110 -8.84 -2.89 11.57
C TRP A 110 -7.53 -2.91 12.39
N GLU A 111 -7.52 -2.19 13.51
CA GLU A 111 -6.34 -2.13 14.37
C GLU A 111 -5.87 -3.50 14.81
N ASN A 112 -6.79 -4.34 15.31
CA ASN A 112 -6.46 -5.69 15.74
C ASN A 112 -5.79 -6.51 14.65
N LEU A 113 -6.37 -6.47 13.45
CA LEU A 113 -5.84 -7.17 12.30
C LEU A 113 -4.44 -6.64 11.94
N GLN A 114 -4.23 -5.34 12.04
CA GLN A 114 -2.91 -4.76 11.73
C GLN A 114 -1.78 -5.30 12.61
N ARG A 115 -2.06 -5.59 13.88
CA ARG A 115 -1.03 -6.15 14.76
C ARG A 115 -0.59 -7.51 14.28
N LEU A 116 -1.45 -8.20 13.54
CA LEU A 116 -1.16 -9.55 13.07
C LEU A 116 -0.82 -9.80 11.60
N LEU A 117 -1.48 -9.09 10.69
CA LEU A 117 -1.28 -9.28 9.27
C LEU A 117 0.04 -8.73 8.72
N PRO A 118 0.56 -9.37 7.64
CA PRO A 118 1.80 -8.91 7.01
C PRO A 118 1.56 -7.46 6.61
N VAL A 119 2.60 -6.62 6.59
CA VAL A 119 2.43 -5.21 6.20
C VAL A 119 1.86 -5.08 4.77
N GLY A 120 0.93 -4.16 4.60
CA GLY A 120 0.30 -3.95 3.29
C GLY A 120 -0.77 -4.97 2.87
N ALA A 121 -1.01 -5.99 3.69
CA ALA A 121 -2.02 -7.01 3.37
C ALA A 121 -3.47 -6.55 3.55
N LEU A 122 -3.77 -5.89 4.66
CA LEU A 122 -5.13 -5.45 4.91
C LEU A 122 -5.60 -4.34 3.97
N TYR A 123 -6.77 -4.53 3.37
CA TYR A 123 -7.33 -3.56 2.46
C TYR A 123 -8.59 -2.89 3.00
N LYS A 124 -9.49 -3.68 3.58
CA LYS A 124 -10.74 -3.09 4.06
C LYS A 124 -11.37 -3.95 5.14
N VAL A 125 -12.12 -3.31 6.04
CA VAL A 125 -12.89 -3.97 7.09
C VAL A 125 -14.29 -3.37 6.91
N LYS A 126 -15.26 -4.24 6.60
CA LYS A 126 -16.66 -3.83 6.41
C LYS A 126 -17.48 -4.48 7.53
N VAL A 127 -18.20 -3.66 8.29
CA VAL A 127 -18.97 -4.15 9.41
C VAL A 127 -20.47 -3.86 9.27
N TYR A 128 -21.28 -4.92 9.27
CA TYR A 128 -22.74 -4.78 9.19
C TYR A 128 -23.23 -4.95 10.63
N GLU A 129 -23.78 -3.86 11.20
CA GLU A 129 -24.33 -3.87 12.55
C GLU A 129 -25.71 -4.57 12.46
N THR A 130 -26.43 -4.27 11.38
CA THR A 130 -27.71 -4.89 11.03
C THR A 130 -27.59 -4.98 9.51
N ASP A 131 -28.59 -5.52 8.83
CA ASP A 131 -28.53 -5.59 7.36
C ASP A 131 -28.57 -4.21 6.76
N ASN A 132 -29.12 -3.26 7.52
CA ASN A 132 -29.29 -1.88 7.08
C ASN A 132 -28.27 -0.82 7.48
N ASN A 133 -27.36 -1.14 8.41
CA ASN A 133 -26.34 -0.18 8.88
C ASN A 133 -24.96 -0.79 8.68
N ILE A 134 -24.18 -0.18 7.81
CA ILE A 134 -22.88 -0.70 7.45
C ILE A 134 -21.78 0.35 7.48
N VAL A 135 -20.59 -0.04 7.94
CA VAL A 135 -19.44 0.86 7.94
C VAL A 135 -18.25 0.23 7.22
N VAL A 136 -17.61 1.02 6.36
CA VAL A 136 -16.43 0.56 5.65
C VAL A 136 -15.28 1.40 6.14
N TYR A 137 -14.26 0.76 6.65
CA TYR A 137 -13.10 1.46 7.13
C TYR A 137 -11.89 0.92 6.35
N LYS A 138 -11.09 1.81 5.78
CA LYS A 138 -9.92 1.39 4.99
C LYS A 138 -8.59 1.94 5.52
N GLY A 139 -8.55 2.27 6.81
CA GLY A 139 -7.34 2.79 7.44
C GLY A 139 -7.03 4.27 7.24
N GLU A 140 -8.01 5.02 6.77
CA GLU A 140 -7.87 6.45 6.47
C GLU A 140 -8.35 7.33 7.63
N LEU B 3 -4.56 9.01 15.02
CA LEU B 3 -3.87 8.58 13.77
C LEU B 3 -2.64 9.48 13.55
N ARG B 4 -1.95 9.31 12.43
CA ARG B 4 -0.80 10.16 12.10
C ARG B 4 -1.04 10.62 10.66
N ARG B 5 -0.63 11.83 10.33
CA ARG B 5 -0.81 12.34 8.97
C ARG B 5 0.09 11.59 7.99
N ARG B 6 -0.40 11.38 6.76
CA ARG B 6 0.35 10.71 5.73
C ARG B 6 0.75 11.72 4.63
N ALA B 7 1.97 11.62 4.13
CA ALA B 7 2.41 12.53 3.09
C ALA B 7 3.30 11.81 2.11
N ARG B 8 3.63 12.48 1.02
CA ARG B 8 4.52 11.94 -0.01
C ARG B 8 5.81 12.77 0.03
N LEU B 9 6.96 12.11 0.12
CA LEU B 9 8.26 12.76 0.18
C LEU B 9 9.03 12.35 -1.09
N SER B 10 9.45 13.32 -1.89
CA SER B 10 10.19 13.07 -3.13
C SER B 10 11.60 13.61 -3.15
N ARG B 11 12.50 12.90 -3.82
CA ARG B 11 13.87 13.38 -3.95
C ARG B 11 14.30 13.22 -5.41
N LEU B 12 14.93 14.24 -5.93
CA LEU B 12 15.40 14.24 -7.32
C LEU B 12 16.90 14.02 -7.43
N VAL B 13 17.32 13.20 -8.40
CA VAL B 13 18.73 12.94 -8.70
C VAL B 13 18.89 12.95 -10.22
N SER B 14 20.12 13.15 -10.70
CA SER B 14 20.40 13.17 -12.13
C SER B 14 21.56 12.21 -12.36
N PHE B 15 21.51 11.44 -13.43
CA PHE B 15 22.61 10.58 -13.79
C PHE B 15 22.84 10.73 -15.28
N SER B 16 24.09 10.53 -15.67
CA SER B 16 24.52 10.65 -17.04
C SER B 16 24.71 9.26 -17.62
N ALA B 17 24.13 8.99 -18.78
CA ALA B 17 24.30 7.66 -19.37
C ALA B 17 24.06 7.63 -20.87
N SER B 18 24.61 6.63 -21.53
CA SER B 18 24.42 6.46 -22.97
C SER B 18 23.69 5.14 -23.25
N HIS B 19 23.15 5.04 -24.45
CA HIS B 19 22.47 3.82 -24.85
C HIS B 19 22.12 3.84 -26.32
N ARG B 20 21.65 2.70 -26.79
CA ARG B 20 21.20 2.57 -28.15
C ARG B 20 19.87 1.84 -28.01
N LEU B 21 18.81 2.36 -28.64
CA LEU B 21 17.51 1.68 -28.61
C LEU B 21 17.58 0.68 -29.76
N HIS B 22 17.63 -0.60 -29.40
CA HIS B 22 17.75 -1.63 -30.41
C HIS B 22 17.27 -2.97 -29.84
N SER B 23 16.40 -3.66 -30.59
CA SER B 23 15.91 -4.96 -30.19
C SER B 23 16.46 -6.08 -31.08
N PRO B 24 17.11 -7.09 -30.49
CA PRO B 24 17.64 -8.18 -31.31
C PRO B 24 16.52 -9.04 -31.96
N SER B 25 15.30 -8.91 -31.45
CA SER B 25 14.15 -9.64 -31.98
C SER B 25 13.78 -9.03 -33.33
N LEU B 26 14.05 -7.75 -33.49
CA LEU B 26 13.74 -7.05 -34.74
C LEU B 26 14.95 -7.07 -35.65
N SER B 27 14.70 -6.85 -36.94
CA SER B 27 15.75 -6.82 -37.95
C SER B 27 16.29 -5.38 -38.06
N ALA B 28 17.38 -5.21 -38.82
CA ALA B 28 18.01 -3.90 -39.01
C ALA B 28 17.04 -2.82 -39.50
N GLU B 29 16.14 -3.18 -40.42
CA GLU B 29 15.18 -2.22 -40.96
C GLU B 29 14.05 -1.87 -40.00
N GLU B 30 13.56 -2.88 -39.25
CA GLU B 30 12.48 -2.71 -38.27
C GLU B 30 12.98 -1.80 -37.15
N ASN B 31 14.16 -2.11 -36.61
CA ASN B 31 14.78 -1.30 -35.56
C ASN B 31 14.94 0.17 -35.96
N LEU B 32 15.19 0.41 -37.24
CA LEU B 32 15.33 1.76 -37.75
C LEU B 32 13.96 2.42 -37.80
N LYS B 33 12.97 1.69 -38.31
CA LYS B 33 11.59 2.18 -38.43
C LYS B 33 11.05 2.54 -37.05
N VAL B 34 11.14 1.58 -36.14
CA VAL B 34 10.66 1.74 -34.76
C VAL B 34 11.44 2.77 -33.94
N PHE B 35 12.76 2.60 -33.86
CA PHE B 35 13.62 3.44 -33.03
C PHE B 35 14.23 4.70 -33.65
N GLY B 36 14.10 4.85 -34.97
CA GLY B 36 14.62 6.03 -35.65
C GLY B 36 16.02 6.45 -35.25
N LYS B 37 16.19 7.74 -35.03
CA LYS B 37 17.50 8.32 -34.67
C LYS B 37 18.12 7.72 -33.40
N CYS B 38 17.30 7.20 -32.49
CA CYS B 38 17.78 6.59 -31.25
C CYS B 38 18.44 5.22 -31.51
N ASN B 39 18.29 4.74 -32.75
CA ASN B 39 18.87 3.48 -33.16
C ASN B 39 20.29 3.71 -33.71
N ASN B 40 20.84 4.91 -33.52
CA ASN B 40 22.20 5.20 -34.02
C ASN B 40 23.13 4.09 -33.57
N PRO B 41 23.80 3.42 -34.52
CA PRO B 41 24.71 2.32 -34.18
C PRO B 41 25.67 2.54 -33.02
N ASN B 42 26.36 3.67 -33.01
CA ASN B 42 27.31 3.91 -31.93
C ASN B 42 26.73 4.52 -30.65
N GLY B 43 25.41 4.64 -30.60
CA GLY B 43 24.75 5.18 -29.42
C GLY B 43 24.60 6.68 -29.37
N HIS B 44 24.07 7.15 -28.24
CA HIS B 44 23.85 8.56 -27.93
C HIS B 44 23.60 8.57 -26.41
N GLY B 45 23.30 9.73 -25.84
CA GLY B 45 23.09 9.73 -24.40
C GLY B 45 22.18 10.82 -23.87
N HIS B 46 22.03 10.84 -22.55
CA HIS B 46 21.19 11.81 -21.87
C HIS B 46 21.63 12.06 -20.49
N ASN B 47 21.14 13.19 -19.97
CA ASN B 47 21.36 13.56 -18.60
C ASN B 47 19.97 13.23 -18.04
N TYR B 48 19.80 12.03 -17.50
CA TYR B 48 18.52 11.59 -16.96
C TYR B 48 18.25 12.24 -15.62
N LYS B 49 17.01 12.62 -15.38
CA LYS B 49 16.60 13.16 -14.08
C LYS B 49 15.55 12.16 -13.57
N VAL B 50 15.66 11.77 -12.30
CA VAL B 50 14.77 10.79 -11.69
C VAL B 50 14.24 11.33 -10.39
N VAL B 51 12.93 11.33 -10.25
CA VAL B 51 12.31 11.78 -9.02
C VAL B 51 11.72 10.55 -8.35
N VAL B 52 12.16 10.28 -7.13
CA VAL B 52 11.66 9.13 -6.37
C VAL B 52 10.72 9.63 -5.26
N THR B 53 9.52 9.06 -5.18
CA THR B 53 8.55 9.44 -4.17
C THR B 53 8.23 8.26 -3.29
N ILE B 54 8.32 8.47 -1.99
CA ILE B 54 7.98 7.45 -1.03
C ILE B 54 6.82 8.06 -0.23
N HIS B 55 5.98 7.23 0.37
CA HIS B 55 4.87 7.72 1.17
C HIS B 55 4.82 7.02 2.52
N GLY B 56 4.13 7.64 3.46
CA GLY B 56 4.05 7.04 4.78
C GLY B 56 3.62 8.09 5.78
N GLU B 57 3.62 7.71 7.04
CA GLU B 57 3.21 8.63 8.09
C GLU B 57 4.33 9.60 8.48
N ILE B 58 3.96 10.84 8.79
CA ILE B 58 4.92 11.84 9.23
C ILE B 58 5.20 11.53 10.71
N ASP B 59 6.45 11.17 11.02
CA ASP B 59 6.83 10.85 12.39
C ASP B 59 6.47 12.02 13.28
N PRO B 60 5.88 11.75 14.47
CA PRO B 60 5.48 12.80 15.41
C PRO B 60 6.61 13.48 16.16
N VAL B 61 7.82 12.93 16.10
CA VAL B 61 8.97 13.53 16.79
C VAL B 61 9.92 14.23 15.79
N THR B 62 10.29 13.54 14.72
CA THR B 62 11.22 14.10 13.74
C THR B 62 10.55 14.89 12.63
N GLY B 63 9.28 14.63 12.40
CA GLY B 63 8.55 15.32 11.33
C GLY B 63 8.90 14.82 9.94
N MET B 64 9.46 13.63 9.86
CA MET B 64 9.86 13.07 8.58
C MET B 64 9.05 11.85 8.20
N VAL B 65 8.80 11.67 6.91
CA VAL B 65 8.10 10.49 6.41
C VAL B 65 9.21 9.41 6.38
N MET B 66 10.39 9.85 5.96
CA MET B 66 11.61 9.03 5.90
C MET B 66 12.71 10.05 5.92
N ASN B 67 13.77 9.77 6.65
CA ASN B 67 14.91 10.68 6.72
C ASN B 67 15.52 10.79 5.31
N LEU B 68 15.53 12.00 4.75
CA LEU B 68 16.10 12.22 3.42
C LEU B 68 17.52 11.70 3.25
N THR B 69 18.26 11.58 4.36
CA THR B 69 19.63 11.05 4.37
C THR B 69 19.50 9.60 3.92
N ASP B 70 18.53 8.91 4.52
CA ASP B 70 18.27 7.53 4.16
C ASP B 70 17.81 7.42 2.73
N LEU B 71 16.90 8.31 2.31
CA LEU B 71 16.41 8.29 0.94
C LEU B 71 17.56 8.48 -0.03
N LYS B 72 18.48 9.40 0.30
CA LYS B 72 19.66 9.64 -0.54
C LYS B 72 20.46 8.36 -0.74
N GLU B 73 20.74 7.66 0.35
CA GLU B 73 21.53 6.41 0.30
C GLU B 73 20.88 5.36 -0.57
N TYR B 74 19.57 5.18 -0.40
CA TYR B 74 18.81 4.21 -1.19
C TYR B 74 18.94 4.52 -2.67
N MET B 75 18.75 5.78 -3.02
CA MET B 75 18.85 6.21 -4.41
C MET B 75 20.28 6.13 -4.94
N GLU B 76 21.24 6.35 -4.07
CA GLU B 76 22.65 6.27 -4.44
C GLU B 76 22.99 4.83 -4.85
N GLU B 77 22.47 3.88 -4.10
CA GLU B 77 22.68 2.46 -4.32
C GLU B 77 21.83 1.91 -5.48
N ALA B 78 20.59 2.37 -5.57
CA ALA B 78 19.66 1.91 -6.61
C ALA B 78 19.79 2.60 -7.97
N ILE B 79 20.28 3.83 -7.99
CA ILE B 79 20.35 4.60 -9.23
C ILE B 79 21.74 5.06 -9.64
N MET B 80 22.36 5.85 -8.76
CA MET B 80 23.65 6.42 -9.06
C MET B 80 24.74 5.39 -9.29
N LYS B 81 24.92 4.48 -8.35
CA LYS B 81 25.96 3.46 -8.44
C LYS B 81 25.85 2.60 -9.70
N PRO B 82 24.69 2.00 -9.97
CA PRO B 82 24.66 1.19 -11.19
C PRO B 82 24.45 1.94 -12.52
N LEU B 83 23.94 3.17 -12.48
CA LEU B 83 23.65 3.88 -13.72
C LEU B 83 24.47 5.09 -14.10
N ASP B 84 24.97 5.81 -13.12
CA ASP B 84 25.70 7.02 -13.44
C ASP B 84 27.01 6.82 -14.16
N HIS B 85 27.14 7.49 -15.30
CA HIS B 85 28.32 7.43 -16.17
C HIS B 85 28.54 6.03 -16.70
N LYS B 86 27.45 5.44 -17.18
CA LYS B 86 27.48 4.10 -17.72
C LYS B 86 26.79 4.06 -19.06
N ASN B 87 27.04 2.97 -19.78
CA ASN B 87 26.41 2.71 -21.05
C ASN B 87 25.36 1.71 -20.57
N LEU B 88 24.08 2.05 -20.67
CA LEU B 88 23.04 1.17 -20.14
C LEU B 88 23.02 -0.23 -20.74
N ASP B 89 23.25 -0.34 -22.02
CA ASP B 89 23.18 -1.65 -22.62
C ASP B 89 24.40 -2.52 -22.48
N LEU B 90 25.54 -1.97 -22.07
CA LEU B 90 26.73 -2.78 -21.94
C LEU B 90 27.24 -2.90 -20.52
N ASP B 91 26.94 -1.92 -19.68
CA ASP B 91 27.41 -1.94 -18.29
C ASP B 91 26.41 -2.37 -17.25
N VAL B 92 25.14 -2.47 -17.65
CA VAL B 92 24.05 -2.85 -16.76
C VAL B 92 23.48 -4.21 -17.24
N PRO B 93 23.73 -5.29 -16.48
CA PRO B 93 23.24 -6.61 -16.90
C PRO B 93 21.76 -6.67 -17.30
N TYR B 94 20.90 -5.98 -16.56
CA TYR B 94 19.45 -5.96 -16.83
C TYR B 94 19.10 -5.59 -18.29
N PHE B 95 19.88 -4.68 -18.87
CA PHE B 95 19.60 -4.23 -20.23
C PHE B 95 20.21 -5.10 -21.34
N ALA B 96 20.82 -6.21 -20.95
CA ALA B 96 21.43 -7.13 -21.89
C ALA B 96 20.36 -7.61 -22.86
N ASP B 97 19.17 -7.94 -22.33
CA ASP B 97 18.07 -8.40 -23.16
C ASP B 97 16.76 -7.62 -22.97
N VAL B 98 16.87 -6.34 -22.59
CA VAL B 98 15.72 -5.46 -22.41
C VAL B 98 16.06 -4.12 -23.06
N VAL B 99 15.22 -3.68 -23.99
CA VAL B 99 15.42 -2.41 -24.68
C VAL B 99 15.42 -1.29 -23.63
N SER B 100 16.39 -0.38 -23.71
CA SER B 100 16.53 0.68 -22.72
C SER B 100 15.72 1.98 -22.93
N THR B 101 14.42 1.84 -23.18
CA THR B 101 13.54 2.98 -23.33
C THR B 101 13.41 3.64 -21.95
N THR B 102 12.83 4.82 -21.88
CA THR B 102 12.62 5.53 -20.61
C THR B 102 11.72 4.67 -19.72
N GLU B 103 10.78 3.97 -20.34
CA GLU B 103 9.86 3.09 -19.60
C GLU B 103 10.63 2.00 -18.83
N ASN B 104 11.54 1.31 -19.51
CA ASN B 104 12.32 0.22 -18.88
C ASN B 104 13.33 0.70 -17.86
N VAL B 105 13.83 1.92 -18.04
CA VAL B 105 14.73 2.53 -17.08
C VAL B 105 13.90 2.80 -15.80
N ALA B 106 12.67 3.32 -15.93
CA ALA B 106 11.79 3.58 -14.78
C ALA B 106 11.48 2.28 -14.03
N VAL B 107 11.17 1.23 -14.80
CA VAL B 107 10.89 -0.12 -14.25
C VAL B 107 12.13 -0.69 -13.55
N TYR B 108 13.29 -0.61 -14.21
CA TYR B 108 14.53 -1.09 -13.60
C TYR B 108 14.81 -0.37 -12.26
N ILE B 109 14.67 0.95 -12.25
CA ILE B 109 14.90 1.72 -11.03
C ILE B 109 13.90 1.33 -9.94
N TRP B 110 12.61 1.20 -10.31
CA TRP B 110 11.56 0.78 -9.37
C TRP B 110 11.94 -0.56 -8.72
N GLU B 111 12.35 -1.54 -9.54
CA GLU B 111 12.72 -2.86 -9.03
C GLU B 111 13.94 -2.81 -8.09
N ASN B 112 14.91 -1.96 -8.41
CA ASN B 112 16.11 -1.80 -7.56
C ASN B 112 15.74 -1.24 -6.21
N LEU B 113 14.91 -0.20 -6.21
CA LEU B 113 14.47 0.44 -4.98
C LEU B 113 13.64 -0.53 -4.14
N GLN B 114 12.79 -1.33 -4.77
CA GLN B 114 11.98 -2.30 -4.02
C GLN B 114 12.81 -3.33 -3.24
N ARG B 115 14.00 -3.68 -3.74
CA ARG B 115 14.86 -4.63 -3.02
C ARG B 115 15.43 -3.99 -1.75
N LEU B 116 15.51 -2.67 -1.72
CA LEU B 116 16.11 -1.96 -0.58
C LEU B 116 15.19 -1.29 0.42
N LEU B 117 14.14 -0.67 -0.10
CA LEU B 117 13.18 0.09 0.69
C LEU B 117 12.25 -0.72 1.62
N PRO B 118 11.74 -0.06 2.67
CA PRO B 118 10.83 -0.74 3.59
C PRO B 118 9.58 -1.07 2.77
N VAL B 119 8.96 -2.20 3.06
CA VAL B 119 7.76 -2.63 2.34
C VAL B 119 6.69 -1.52 2.34
N GLY B 120 6.10 -1.27 1.18
CA GLY B 120 5.08 -0.24 1.06
C GLY B 120 5.55 1.21 1.03
N ALA B 121 6.85 1.43 1.20
CA ALA B 121 7.39 2.79 1.19
C ALA B 121 7.36 3.46 -0.19
N LEU B 122 7.79 2.74 -1.22
CA LEU B 122 7.85 3.28 -2.58
C LEU B 122 6.49 3.56 -3.19
N TYR B 123 6.31 4.79 -3.70
CA TYR B 123 5.07 5.22 -4.28
C TYR B 123 5.21 5.46 -5.79
N LYS B 124 6.29 6.12 -6.21
CA LYS B 124 6.43 6.42 -7.62
C LYS B 124 7.89 6.65 -8.03
N VAL B 125 8.18 6.35 -9.29
CA VAL B 125 9.48 6.57 -9.89
C VAL B 125 9.15 7.36 -11.15
N LYS B 126 9.70 8.56 -11.28
CA LYS B 126 9.49 9.42 -12.44
C LYS B 126 10.83 9.63 -13.14
N VAL B 127 10.91 9.30 -14.42
CA VAL B 127 12.14 9.45 -15.17
C VAL B 127 12.01 10.41 -16.37
N TYR B 128 12.83 11.46 -16.39
CA TYR B 128 12.88 12.42 -17.50
C TYR B 128 14.12 12.03 -18.30
N GLU B 129 13.90 11.55 -19.52
CA GLU B 129 15.00 11.13 -20.41
C GLU B 129 15.56 12.46 -20.94
N THR B 130 14.64 13.37 -21.23
CA THR B 130 14.95 14.73 -21.65
C THR B 130 13.85 15.56 -20.94
N ASP B 131 13.87 16.89 -21.09
CA ASP B 131 12.84 17.73 -20.46
C ASP B 131 11.49 17.43 -21.07
N ASN B 132 11.51 16.89 -22.28
CA ASN B 132 10.28 16.62 -23.02
C ASN B 132 9.72 15.22 -23.00
N ASN B 133 10.53 14.23 -22.65
CA ASN B 133 10.12 12.82 -22.64
C ASN B 133 10.20 12.31 -21.22
N ILE B 134 9.03 11.99 -20.66
CA ILE B 134 8.89 11.59 -19.28
C ILE B 134 8.08 10.30 -19.09
N VAL B 135 8.51 9.46 -18.15
CA VAL B 135 7.77 8.23 -17.83
C VAL B 135 7.52 8.16 -16.31
N VAL B 136 6.30 7.81 -15.93
CA VAL B 136 5.99 7.61 -14.52
C VAL B 136 5.64 6.12 -14.35
N TYR B 137 6.25 5.47 -13.35
CA TYR B 137 5.99 4.06 -13.07
C TYR B 137 5.58 3.98 -11.60
N LYS B 138 4.52 3.23 -11.32
CA LYS B 138 4.00 3.10 -9.97
C LYS B 138 3.84 1.64 -9.54
N GLY B 139 4.57 0.73 -10.18
CA GLY B 139 4.52 -0.69 -9.85
C GLY B 139 3.29 -1.43 -10.36
N GLU B 140 2.62 -0.83 -11.33
CA GLU B 140 1.42 -1.41 -11.89
C GLU B 140 1.71 -2.18 -13.15
#